data_1ZTO
#
_entry.id   1ZTO
#
_cell.length_a   1.000
_cell.length_b   1.000
_cell.length_c   1.000
_cell.angle_alpha   90.00
_cell.angle_beta   90.00
_cell.angle_gamma   90.00
#
_symmetry.space_group_name_H-M   'P 1'
#
_entity_poly.entity_id   1
_entity_poly.type   'polypeptide(L)'
_entity_poly.pdbx_seq_one_letter_code
;MEVAMVSAESSGCNSHMPYGYAAQARARERERLAHS(AAR)
;
_entity_poly.pdbx_strand_id   A
#
# COMPACT_ATOMS: atom_id res chain seq x y z
N MET A 1 6.06 20.77 4.14
CA MET A 1 7.05 19.86 3.51
C MET A 1 7.22 18.60 4.36
N GLU A 2 7.38 17.46 3.73
CA GLU A 2 7.56 16.18 4.49
C GLU A 2 9.05 15.88 4.66
N VAL A 3 9.39 15.06 5.62
CA VAL A 3 10.83 14.70 5.85
C VAL A 3 11.33 13.82 4.71
N ALA A 4 12.61 13.91 4.39
CA ALA A 4 13.18 13.07 3.29
C ALA A 4 13.49 11.67 3.82
N MET A 5 12.61 10.73 3.58
CA MET A 5 12.83 9.33 4.06
C MET A 5 12.82 8.37 2.87
N VAL A 6 13.98 7.90 2.47
CA VAL A 6 14.06 6.97 1.30
C VAL A 6 14.28 5.53 1.80
N SER A 7 13.59 4.58 1.21
CA SER A 7 13.75 3.15 1.64
C SER A 7 13.31 2.22 0.50
N ALA A 8 14.01 1.12 0.30
CA ALA A 8 13.65 0.17 -0.79
C ALA A 8 14.07 -1.25 -0.39
N GLU A 9 13.45 -1.79 0.64
CA GLU A 9 13.80 -3.17 1.09
C GLU A 9 13.02 -4.20 0.24
N SER A 10 13.41 -4.37 -1.00
CA SER A 10 12.71 -5.34 -1.89
C SER A 10 13.51 -5.52 -3.19
N SER A 11 14.25 -6.60 -3.30
CA SER A 11 15.07 -6.85 -4.54
C SER A 11 15.07 -8.34 -4.88
N GLY A 12 14.06 -9.07 -4.47
CA GLY A 12 14.00 -10.53 -4.77
C GLY A 12 12.65 -11.10 -4.34
N CYS A 13 12.46 -11.31 -3.05
CA CYS A 13 11.16 -11.86 -2.55
C CYS A 13 10.76 -11.15 -1.24
N ASN A 14 11.04 -9.87 -1.14
CA ASN A 14 10.68 -9.11 0.10
C ASN A 14 9.24 -8.58 -0.03
N SER A 15 8.78 -8.34 -1.23
CA SER A 15 7.39 -7.83 -1.43
C SER A 15 6.47 -9.00 -1.83
N HIS A 16 6.69 -10.16 -1.25
CA HIS A 16 5.85 -11.36 -1.57
C HIS A 16 4.37 -11.11 -1.21
N MET A 17 4.10 -10.12 -0.40
CA MET A 17 2.67 -9.82 -0.01
C MET A 17 1.81 -9.59 -1.26
N PRO A 18 0.57 -10.02 -1.20
CA PRO A 18 -0.32 -9.82 -2.37
C PRO A 18 -0.55 -8.34 -2.66
N TYR A 19 -0.64 -8.00 -3.93
CA TYR A 19 -0.87 -6.58 -4.34
C TYR A 19 -2.15 -6.05 -3.69
N GLY A 20 -2.11 -4.84 -3.16
CA GLY A 20 -3.31 -4.25 -2.50
C GLY A 20 -3.15 -4.32 -0.98
N TYR A 21 -2.40 -5.28 -0.48
CA TYR A 21 -2.19 -5.41 0.99
C TYR A 21 -1.29 -4.28 1.48
N ALA A 22 -0.31 -3.95 0.70
CA ALA A 22 0.62 -2.85 1.06
C ALA A 22 -0.11 -1.50 0.93
N ALA A 23 -1.33 -1.51 0.44
CA ALA A 23 -2.09 -0.24 0.30
C ALA A 23 -3.32 -0.25 1.22
N GLN A 24 -3.52 -1.30 1.97
CA GLN A 24 -4.69 -1.38 2.90
C GLN A 24 -4.24 -0.94 4.31
N ALA A 25 -3.01 -1.24 4.67
CA ALA A 25 -2.50 -0.84 6.02
C ALA A 25 -2.47 0.69 6.13
N ARG A 26 -1.83 1.35 5.19
CA ARG A 26 -1.78 2.85 5.24
C ARG A 26 -3.17 3.44 4.95
N ALA A 27 -3.94 2.81 4.09
CA ALA A 27 -5.31 3.33 3.77
C ALA A 27 -6.20 3.25 5.02
N ARG A 28 -6.00 2.25 5.84
CA ARG A 28 -6.83 2.12 7.09
C ARG A 28 -6.17 2.94 8.21
N GLU A 29 -4.87 2.99 8.21
CA GLU A 29 -4.13 3.75 9.26
C GLU A 29 -4.35 5.26 9.06
N ARG A 30 -4.47 5.69 7.83
CA ARG A 30 -4.70 7.14 7.53
C ARG A 30 -6.04 7.59 8.11
N GLU A 31 -6.99 6.69 8.25
CA GLU A 31 -8.33 7.06 8.80
C GLU A 31 -8.20 7.48 10.27
N ARG A 32 -7.24 6.93 10.99
CA ARG A 32 -7.06 7.29 12.42
C ARG A 32 -6.56 8.74 12.54
N LEU A 33 -5.80 9.21 11.58
CA LEU A 33 -5.28 10.61 11.63
C LEU A 33 -6.18 11.54 10.81
N ALA A 34 -6.62 11.10 9.66
CA ALA A 34 -7.50 11.95 8.79
C ALA A 34 -8.99 11.62 9.02
N HIS A 35 -9.31 11.09 10.17
CA HIS A 35 -10.74 10.72 10.48
C HIS A 35 -11.68 11.91 10.18
N SER A 36 -12.30 11.92 9.02
CA SER A 36 -13.22 13.04 8.65
C SER A 36 -14.65 12.52 8.44
N MET A 1 21.93 0.16 -7.69
CA MET A 1 20.71 -0.70 -7.78
C MET A 1 19.68 -0.05 -8.72
N GLU A 2 18.91 -0.86 -9.41
CA GLU A 2 17.87 -0.31 -10.34
C GLU A 2 16.54 -0.16 -9.61
N VAL A 3 15.97 1.02 -9.62
CA VAL A 3 14.66 1.24 -8.92
C VAL A 3 13.53 0.58 -9.72
N ALA A 4 12.45 0.23 -9.06
CA ALA A 4 11.30 -0.41 -9.76
C ALA A 4 10.48 0.67 -10.49
N MET A 5 10.40 0.59 -11.80
CA MET A 5 9.62 1.59 -12.57
C MET A 5 8.17 1.11 -12.71
N VAL A 6 7.38 1.33 -11.69
CA VAL A 6 5.95 0.88 -11.74
C VAL A 6 5.03 2.00 -11.19
N SER A 7 3.80 2.02 -11.63
CA SER A 7 2.84 3.07 -11.16
C SER A 7 1.42 2.50 -11.06
N ALA A 8 0.57 3.12 -10.27
CA ALA A 8 -0.84 2.64 -10.12
C ALA A 8 -0.86 1.13 -9.79
N GLU A 9 -0.06 0.74 -8.83
CA GLU A 9 -0.01 -0.71 -8.43
C GLU A 9 0.42 -0.83 -6.96
N SER A 10 -0.24 -1.66 -6.20
CA SER A 10 0.13 -1.83 -4.77
C SER A 10 0.92 -3.13 -4.58
N SER A 11 2.08 -3.04 -3.96
CA SER A 11 2.96 -4.25 -3.75
C SER A 11 3.05 -5.03 -5.07
N GLY A 12 3.08 -4.30 -6.15
CA GLY A 12 3.16 -4.93 -7.49
C GLY A 12 4.62 -5.32 -7.79
N CYS A 13 5.51 -4.37 -7.70
CA CYS A 13 6.96 -4.67 -7.98
C CYS A 13 7.71 -4.90 -6.65
N ASN A 14 6.99 -5.17 -5.60
CA ASN A 14 7.63 -5.42 -4.27
C ASN A 14 8.09 -6.87 -4.17
N SER A 15 7.43 -7.77 -4.89
CA SER A 15 7.80 -9.23 -4.86
C SER A 15 8.08 -9.70 -3.42
N HIS A 16 7.43 -9.10 -2.46
CA HIS A 16 7.63 -9.50 -1.02
C HIS A 16 6.27 -9.52 -0.30
N MET A 17 5.55 -8.42 -0.36
CA MET A 17 4.23 -8.34 0.31
C MET A 17 3.12 -8.62 -0.71
N PRO A 18 2.02 -9.11 -0.20
CA PRO A 18 0.85 -9.42 -1.07
C PRO A 18 0.39 -8.19 -1.82
N TYR A 19 0.00 -8.38 -3.05
CA TYR A 19 -0.48 -7.26 -3.91
C TYR A 19 -1.74 -6.63 -3.29
N GLY A 20 -1.80 -5.32 -3.26
CA GLY A 20 -2.99 -4.63 -2.68
C GLY A 20 -3.04 -4.89 -1.17
N TYR A 21 -1.91 -4.77 -0.50
CA TYR A 21 -1.86 -5.01 0.97
C TYR A 21 -1.32 -3.79 1.67
N ALA A 22 -0.14 -3.41 1.31
CA ALA A 22 0.50 -2.22 1.93
C ALA A 22 -0.39 -0.99 1.70
N ALA A 23 -1.30 -1.06 0.75
CA ALA A 23 -2.23 0.08 0.50
C ALA A 23 -3.41 -0.02 1.47
N GLN A 24 -3.79 -1.24 1.80
CA GLN A 24 -4.90 -1.47 2.76
C GLN A 24 -4.47 -1.01 4.15
N ALA A 25 -3.33 -1.47 4.61
CA ALA A 25 -2.82 -1.06 5.96
C ALA A 25 -2.62 0.46 6.03
N ARG A 26 -2.25 1.07 4.92
CA ARG A 26 -2.06 2.56 4.93
C ARG A 26 -3.43 3.23 4.86
N ALA A 27 -4.37 2.60 4.21
CA ALA A 27 -5.74 3.18 4.11
C ALA A 27 -6.44 3.07 5.48
N ARG A 28 -6.11 2.06 6.25
CA ARG A 28 -6.72 1.90 7.60
C ARG A 28 -6.02 2.85 8.58
N GLU A 29 -4.74 3.04 8.38
CA GLU A 29 -3.96 3.97 9.28
C GLU A 29 -4.27 5.42 8.89
N ARG A 30 -4.39 5.69 7.61
CA ARG A 30 -4.71 7.08 7.15
C ARG A 30 -6.09 7.50 7.67
N GLU A 31 -6.97 6.56 7.89
CA GLU A 31 -8.34 6.87 8.41
C GLU A 31 -8.23 7.34 9.87
N ARG A 32 -7.25 6.87 10.59
CA ARG A 32 -7.08 7.29 12.01
C ARG A 32 -6.37 8.64 12.07
N LEU A 33 -5.39 8.85 11.21
CA LEU A 33 -4.64 10.15 11.21
C LEU A 33 -5.57 11.27 10.72
N ALA A 34 -6.34 11.01 9.70
CA ALA A 34 -7.27 12.03 9.15
C ALA A 34 -8.61 11.98 9.90
N HIS A 35 -8.95 10.83 10.43
CA HIS A 35 -10.23 10.64 11.20
C HIS A 35 -11.37 11.45 10.56
N SER A 36 -11.58 11.28 9.27
CA SER A 36 -12.67 12.01 8.56
C SER A 36 -13.86 11.07 8.33
N MET A 1 1.61 -3.19 -22.53
CA MET A 1 1.67 -1.98 -21.65
C MET A 1 0.76 -2.19 -20.43
N GLU A 2 1.30 -2.06 -19.24
CA GLU A 2 0.47 -2.26 -18.01
C GLU A 2 1.06 -1.43 -16.86
N VAL A 3 0.22 -0.90 -15.99
CA VAL A 3 0.71 -0.08 -14.84
C VAL A 3 0.05 -0.56 -13.55
N ALA A 4 0.77 -0.55 -12.46
CA ALA A 4 0.21 -0.99 -11.15
C ALA A 4 -0.53 0.18 -10.48
N MET A 5 -1.77 -0.02 -10.12
CA MET A 5 -2.55 1.06 -9.46
C MET A 5 -2.22 1.07 -7.96
N VAL A 6 -1.13 1.70 -7.60
CA VAL A 6 -0.72 1.76 -6.16
C VAL A 6 -0.50 3.22 -5.75
N SER A 7 -0.94 3.59 -4.57
CA SER A 7 -0.77 5.00 -4.10
C SER A 7 0.55 5.13 -3.34
N ALA A 8 1.38 6.08 -3.71
CA ALA A 8 2.70 6.29 -3.03
C ALA A 8 3.46 4.96 -2.95
N GLU A 9 3.39 4.18 -4.01
CA GLU A 9 4.09 2.86 -4.06
C GLU A 9 3.97 2.12 -2.71
N SER A 10 2.77 2.05 -2.18
CA SER A 10 2.55 1.36 -0.87
C SER A 10 1.32 0.45 -0.97
N SER A 11 1.30 -0.42 -1.94
CA SER A 11 0.14 -1.34 -2.12
C SER A 11 0.62 -2.66 -2.71
N GLY A 12 1.27 -2.58 -3.85
CA GLY A 12 1.80 -3.80 -4.52
C GLY A 12 2.94 -3.41 -5.48
N CYS A 13 3.79 -2.51 -5.07
CA CYS A 13 4.92 -2.07 -5.94
C CYS A 13 6.24 -2.12 -5.15
N ASN A 14 6.28 -2.92 -4.12
CA ASN A 14 7.51 -3.04 -3.28
C ASN A 14 8.19 -4.40 -3.52
N SER A 15 7.68 -5.19 -4.45
CA SER A 15 8.27 -6.54 -4.76
C SER A 15 8.59 -7.30 -3.46
N HIS A 16 7.82 -7.06 -2.41
CA HIS A 16 8.05 -7.76 -1.11
C HIS A 16 6.69 -8.12 -0.49
N MET A 17 5.81 -7.15 -0.35
CA MET A 17 4.47 -7.40 0.24
C MET A 17 3.47 -7.76 -0.87
N PRO A 18 2.46 -8.50 -0.49
CA PRO A 18 1.41 -8.91 -1.45
C PRO A 18 0.76 -7.69 -2.10
N TYR A 19 0.39 -7.83 -3.35
CA TYR A 19 -0.26 -6.72 -4.10
C TYR A 19 -1.61 -6.36 -3.46
N GLY A 20 -1.89 -5.09 -3.34
CA GLY A 20 -3.17 -4.64 -2.73
C GLY A 20 -3.20 -5.02 -1.25
N TYR A 21 -2.08 -4.88 -0.57
CA TYR A 21 -2.01 -5.24 0.87
C TYR A 21 -1.53 -4.05 1.66
N ALA A 22 -0.37 -3.58 1.34
CA ALA A 22 0.21 -2.41 2.03
C ALA A 22 -0.73 -1.20 1.86
N ALA A 23 -1.65 -1.27 0.92
CA ALA A 23 -2.63 -0.16 0.73
C ALA A 23 -3.66 -0.22 1.85
N GLN A 24 -3.98 -1.42 2.30
CA GLN A 24 -4.95 -1.61 3.41
C GLN A 24 -4.38 -0.97 4.68
N ALA A 25 -3.12 -1.19 4.96
CA ALA A 25 -2.47 -0.61 6.17
C ALA A 25 -2.25 0.89 6.01
N ARG A 26 -2.02 1.33 4.79
CA ARG A 26 -1.80 2.79 4.54
C ARG A 26 -3.15 3.50 4.57
N ALA A 27 -4.19 2.82 4.12
CA ALA A 27 -5.55 3.41 4.12
C ALA A 27 -6.13 3.38 5.54
N ARG A 28 -5.85 2.34 6.28
CA ARG A 28 -6.37 2.25 7.68
C ARG A 28 -5.63 3.26 8.56
N GLU A 29 -4.40 3.57 8.20
CA GLU A 29 -3.61 4.57 8.99
C GLU A 29 -4.01 5.97 8.54
N ARG A 30 -4.20 6.15 7.25
CA ARG A 30 -4.60 7.50 6.73
C ARG A 30 -6.05 7.81 7.17
N GLU A 31 -6.85 6.79 7.41
CA GLU A 31 -8.26 7.00 7.84
C GLU A 31 -8.30 7.23 9.36
N ARG A 32 -7.60 6.43 10.12
CA ARG A 32 -7.59 6.60 11.60
C ARG A 32 -6.84 7.88 11.98
N LEU A 33 -5.71 8.13 11.35
CA LEU A 33 -4.93 9.36 11.66
C LEU A 33 -5.75 10.60 11.33
N ALA A 34 -6.33 10.64 10.14
CA ALA A 34 -7.16 11.81 9.74
C ALA A 34 -8.39 11.93 10.65
N HIS A 35 -8.93 10.81 11.04
CA HIS A 35 -10.12 10.81 11.94
C HIS A 35 -9.75 10.19 13.30
N SER A 36 -9.06 10.95 14.12
CA SER A 36 -8.65 10.43 15.46
C SER A 36 -9.56 11.02 16.54
N MET A 1 -9.66 6.74 -19.16
CA MET A 1 -8.71 6.12 -20.12
C MET A 1 -8.11 4.84 -19.51
N GLU A 2 -8.38 3.70 -20.09
CA GLU A 2 -7.83 2.42 -19.56
C GLU A 2 -6.73 1.90 -20.47
N VAL A 3 -5.56 1.63 -19.92
CA VAL A 3 -4.43 1.10 -20.75
C VAL A 3 -3.78 -0.08 -20.04
N ALA A 4 -3.59 -1.18 -20.75
CA ALA A 4 -2.96 -2.40 -20.14
C ALA A 4 -3.67 -2.75 -18.82
N MET A 5 -4.93 -3.08 -18.89
CA MET A 5 -5.70 -3.43 -17.65
C MET A 5 -5.55 -4.93 -17.37
N VAL A 6 -4.37 -5.35 -17.01
CA VAL A 6 -4.12 -6.80 -16.72
C VAL A 6 -3.30 -6.95 -15.42
N SER A 7 -3.65 -7.90 -14.60
CA SER A 7 -2.89 -8.11 -13.33
C SER A 7 -2.01 -9.35 -13.43
N ALA A 8 -0.85 -9.33 -12.80
CA ALA A 8 0.07 -10.50 -12.86
C ALA A 8 0.42 -10.92 -11.43
N GLU A 9 -0.59 -11.20 -10.63
CA GLU A 9 -0.36 -11.61 -9.22
C GLU A 9 0.07 -13.09 -9.17
N SER A 10 1.32 -13.34 -8.84
CA SER A 10 1.82 -14.75 -8.76
C SER A 10 2.82 -14.88 -7.61
N SER A 11 2.59 -14.16 -6.53
CA SER A 11 3.50 -14.21 -5.35
C SER A 11 3.03 -13.19 -4.33
N GLY A 12 2.64 -13.63 -3.16
CA GLY A 12 2.16 -12.70 -2.11
C GLY A 12 3.33 -12.30 -1.22
N CYS A 13 3.64 -13.12 -0.24
CA CYS A 13 4.77 -12.81 0.69
C CYS A 13 6.07 -13.44 0.16
N ASN A 14 6.10 -13.83 -1.08
CA ASN A 14 7.32 -14.45 -1.67
C ASN A 14 8.21 -13.36 -2.29
N SER A 15 7.62 -12.43 -2.98
CA SER A 15 8.42 -11.33 -3.61
C SER A 15 8.68 -10.22 -2.60
N HIS A 16 7.66 -9.81 -1.89
CA HIS A 16 7.82 -8.73 -0.87
C HIS A 16 6.57 -8.64 0.01
N MET A 17 5.43 -8.43 -0.59
CA MET A 17 4.15 -8.32 0.20
C MET A 17 2.96 -8.71 -0.68
N PRO A 18 1.95 -9.24 -0.05
CA PRO A 18 0.73 -9.65 -0.79
C PRO A 18 0.15 -8.47 -1.59
N TYR A 19 -0.31 -8.78 -2.78
CA TYR A 19 -0.88 -7.74 -3.68
C TYR A 19 -2.07 -7.05 -3.00
N GLY A 20 -2.11 -5.74 -3.06
CA GLY A 20 -3.24 -4.98 -2.42
C GLY A 20 -3.17 -5.17 -0.90
N TYR A 21 -2.01 -4.95 -0.32
CA TYR A 21 -1.85 -5.12 1.15
C TYR A 21 -1.31 -3.86 1.77
N ALA A 22 -0.16 -3.45 1.33
CA ALA A 22 0.46 -2.21 1.85
C ALA A 22 -0.46 -1.01 1.61
N ALA A 23 -1.44 -1.17 0.73
CA ALA A 23 -2.41 -0.06 0.46
C ALA A 23 -3.52 -0.13 1.53
N GLN A 24 -3.82 -1.32 2.00
CA GLN A 24 -4.85 -1.50 3.05
C GLN A 24 -4.33 -0.92 4.37
N ALA A 25 -3.16 -1.34 4.78
CA ALA A 25 -2.55 -0.84 6.06
C ALA A 25 -2.42 0.68 6.03
N ARG A 26 -2.16 1.26 4.87
CA ARG A 26 -2.03 2.75 4.79
C ARG A 26 -3.42 3.37 4.72
N ALA A 27 -4.34 2.71 4.06
CA ALA A 27 -5.74 3.23 3.95
C ALA A 27 -6.44 3.13 5.31
N ARG A 28 -6.03 2.17 6.13
CA ARG A 28 -6.65 2.02 7.48
C ARG A 28 -5.96 2.99 8.45
N GLU A 29 -4.69 3.20 8.26
CA GLU A 29 -3.93 4.14 9.15
C GLU A 29 -4.27 5.59 8.75
N ARG A 30 -4.43 5.83 7.47
CA ARG A 30 -4.77 7.21 6.98
C ARG A 30 -6.15 7.62 7.54
N GLU A 31 -7.02 6.66 7.76
CA GLU A 31 -8.38 6.97 8.31
C GLU A 31 -8.23 7.44 9.76
N ARG A 32 -7.55 6.67 10.58
CA ARG A 32 -7.35 7.06 12.00
C ARG A 32 -6.44 8.30 12.08
N LEU A 33 -5.51 8.44 11.16
CA LEU A 33 -4.59 9.62 11.17
C LEU A 33 -5.41 10.89 10.96
N ALA A 34 -6.17 10.96 9.90
CA ALA A 34 -6.99 12.18 9.63
C ALA A 34 -8.14 12.25 10.63
N HIS A 35 -8.65 11.12 11.03
CA HIS A 35 -9.78 11.08 12.01
C HIS A 35 -9.34 10.28 13.25
N SER A 36 -8.74 10.94 14.21
CA SER A 36 -8.29 10.22 15.45
C SER A 36 -9.13 10.68 16.65
N MET A 1 21.81 0.48 -5.66
CA MET A 1 20.63 -0.40 -5.92
C MET A 1 19.69 0.27 -6.93
N GLU A 2 19.04 -0.52 -7.76
CA GLU A 2 18.10 0.05 -8.77
C GLU A 2 16.69 0.15 -8.18
N VAL A 3 16.11 1.33 -8.20
CA VAL A 3 14.74 1.51 -7.63
C VAL A 3 13.71 0.87 -8.57
N ALA A 4 12.58 0.46 -8.03
CA ALA A 4 11.52 -0.17 -8.88
C ALA A 4 10.76 0.92 -9.65
N MET A 5 10.80 0.87 -10.96
CA MET A 5 10.09 1.91 -11.77
C MET A 5 8.64 1.43 -12.02
N VAL A 6 7.77 1.64 -11.07
CA VAL A 6 6.35 1.21 -11.22
C VAL A 6 5.41 2.30 -10.68
N SER A 7 4.20 2.37 -11.20
CA SER A 7 3.24 3.40 -10.73
C SER A 7 1.81 2.82 -10.74
N ALA A 8 0.92 3.42 -9.99
CA ALA A 8 -0.51 2.95 -9.93
C ALA A 8 -0.55 1.44 -9.64
N GLU A 9 0.19 1.00 -8.65
CA GLU A 9 0.20 -0.46 -8.30
C GLU A 9 0.59 -0.62 -6.82
N SER A 10 -0.10 -1.48 -6.11
CA SER A 10 0.21 -1.70 -4.66
C SER A 10 1.01 -3.00 -4.51
N SER A 11 2.15 -2.93 -3.85
CA SER A 11 3.03 -4.13 -3.64
C SER A 11 3.16 -4.89 -4.97
N GLY A 12 3.23 -4.15 -6.04
CA GLY A 12 3.36 -4.77 -7.39
C GLY A 12 4.81 -5.15 -7.65
N CYS A 13 5.72 -4.21 -7.51
CA CYS A 13 7.16 -4.50 -7.73
C CYS A 13 7.86 -4.78 -6.39
N ASN A 14 7.10 -5.09 -5.37
CA ASN A 14 7.69 -5.39 -4.04
C ASN A 14 8.17 -6.84 -3.98
N SER A 15 7.55 -7.72 -4.76
CA SER A 15 7.94 -9.17 -4.78
C SER A 15 8.16 -9.71 -3.35
N HIS A 16 7.46 -9.16 -2.39
CA HIS A 16 7.60 -9.62 -0.97
C HIS A 16 6.23 -9.62 -0.29
N MET A 17 5.55 -8.51 -0.32
CA MET A 17 4.20 -8.41 0.31
C MET A 17 3.12 -8.67 -0.75
N PRO A 18 1.98 -9.14 -0.27
CA PRO A 18 0.85 -9.43 -1.18
C PRO A 18 0.40 -8.16 -1.92
N TYR A 19 0.02 -8.33 -3.16
CA TYR A 19 -0.43 -7.18 -4.00
C TYR A 19 -1.70 -6.56 -3.38
N GLY A 20 -1.76 -5.25 -3.33
CA GLY A 20 -2.96 -4.57 -2.74
C GLY A 20 -3.02 -4.85 -1.24
N TYR A 21 -1.90 -4.75 -0.56
CA TYR A 21 -1.86 -5.02 0.91
C TYR A 21 -1.32 -3.81 1.64
N ALA A 22 -0.13 -3.41 1.28
CA ALA A 22 0.50 -2.23 1.93
C ALA A 22 -0.40 -1.00 1.72
N ALA A 23 -1.29 -1.05 0.75
CA ALA A 23 -2.22 0.10 0.50
C ALA A 23 -3.40 -0.03 1.48
N GLN A 24 -3.79 -1.24 1.79
CA GLN A 24 -4.91 -1.49 2.74
C GLN A 24 -4.48 -1.03 4.14
N ALA A 25 -3.34 -1.48 4.59
CA ALA A 25 -2.83 -1.09 5.95
C ALA A 25 -2.64 0.43 6.03
N ARG A 26 -2.27 1.05 4.93
CA ARG A 26 -2.07 2.53 4.93
C ARG A 26 -3.44 3.21 4.90
N ALA A 27 -4.40 2.59 4.24
CA ALA A 27 -5.77 3.17 4.17
C ALA A 27 -6.44 3.07 5.55
N ARG A 28 -6.11 2.04 6.31
CA ARG A 28 -6.70 1.89 7.68
C ARG A 28 -5.99 2.85 8.64
N GLU A 29 -4.71 3.05 8.43
CA GLU A 29 -3.93 3.98 9.30
C GLU A 29 -4.24 5.43 8.92
N ARG A 30 -4.35 5.70 7.64
CA ARG A 30 -4.66 7.09 7.18
C ARG A 30 -6.06 7.50 7.67
N GLU A 31 -6.94 6.55 7.86
CA GLU A 31 -8.32 6.87 8.36
C GLU A 31 -8.23 7.35 9.81
N ARG A 32 -7.26 6.88 10.56
CA ARG A 32 -7.11 7.30 11.99
C ARG A 32 -6.41 8.67 12.04
N LEU A 33 -5.41 8.87 11.21
CA LEU A 33 -4.67 10.17 11.21
C LEU A 33 -5.59 11.29 10.71
N ALA A 34 -6.36 11.01 9.68
CA ALA A 34 -7.30 12.04 9.14
C ALA A 34 -8.63 11.98 9.87
N HIS A 35 -8.97 10.83 10.40
CA HIS A 35 -10.26 10.64 11.15
C HIS A 35 -11.41 11.43 10.49
N SER A 36 -11.59 11.23 9.20
CA SER A 36 -12.68 11.96 8.48
C SER A 36 -13.86 11.01 8.23
N MET A 1 0.67 12.36 6.38
CA MET A 1 -0.37 11.39 5.92
C MET A 1 0.10 10.70 4.64
N GLU A 2 0.16 9.39 4.64
CA GLU A 2 0.61 8.64 3.43
C GLU A 2 -0.60 7.96 2.77
N VAL A 3 -0.71 8.07 1.47
CA VAL A 3 -1.87 7.44 0.74
C VAL A 3 -1.69 5.92 0.70
N ALA A 4 -2.71 5.20 0.31
CA ALA A 4 -2.63 3.71 0.24
C ALA A 4 -1.57 3.30 -0.79
N MET A 5 -0.52 2.65 -0.36
CA MET A 5 0.55 2.21 -1.30
C MET A 5 0.31 0.75 -1.70
N VAL A 6 -0.51 0.53 -2.70
CA VAL A 6 -0.81 -0.87 -3.15
C VAL A 6 0.48 -1.54 -3.65
N SER A 7 0.61 -2.83 -3.42
CA SER A 7 1.83 -3.56 -3.88
C SER A 7 1.67 -3.94 -5.36
N ALA A 8 2.67 -3.64 -6.17
CA ALA A 8 2.60 -3.97 -7.62
C ALA A 8 4.00 -4.03 -8.21
N GLU A 9 4.90 -4.70 -7.53
CA GLU A 9 6.31 -4.81 -8.01
C GLU A 9 6.71 -6.29 -8.05
N SER A 10 6.55 -6.92 -9.20
CA SER A 10 6.93 -8.37 -9.32
C SER A 10 8.42 -8.48 -9.65
N SER A 11 9.22 -8.81 -8.67
CA SER A 11 10.70 -8.94 -8.90
C SER A 11 11.23 -10.22 -8.24
N GLY A 12 10.37 -11.05 -7.70
CA GLY A 12 10.82 -12.31 -7.04
C GLY A 12 10.70 -12.17 -5.52
N CYS A 13 11.10 -11.03 -4.99
CA CYS A 13 11.02 -10.82 -3.51
C CYS A 13 10.47 -9.41 -3.22
N ASN A 14 9.67 -8.89 -4.12
CA ASN A 14 9.09 -7.52 -3.93
C ASN A 14 7.56 -7.61 -3.82
N SER A 15 6.93 -8.38 -4.68
CA SER A 15 5.44 -8.51 -4.63
C SER A 15 5.04 -9.75 -3.82
N HIS A 16 5.87 -10.16 -2.89
CA HIS A 16 5.55 -11.36 -2.04
C HIS A 16 4.19 -11.17 -1.35
N MET A 17 3.81 -9.95 -1.07
CA MET A 17 2.50 -9.68 -0.41
C MET A 17 1.39 -9.61 -1.47
N PRO A 18 0.19 -9.90 -1.03
CA PRO A 18 -0.97 -9.87 -1.94
C PRO A 18 -1.11 -8.50 -2.60
N TYR A 19 -1.42 -8.52 -3.88
CA TYR A 19 -1.58 -7.25 -4.66
C TYR A 19 -2.63 -6.34 -4.00
N GLY A 20 -2.31 -5.07 -3.86
CA GLY A 20 -3.27 -4.11 -3.23
C GLY A 20 -3.50 -4.51 -1.77
N TYR A 21 -2.44 -4.73 -1.04
CA TYR A 21 -2.58 -5.15 0.39
C TYR A 21 -1.90 -4.12 1.29
N ALA A 22 -0.66 -3.88 1.04
CA ALA A 22 0.10 -2.89 1.86
C ALA A 22 -0.61 -1.52 1.80
N ALA A 23 -1.47 -1.31 0.81
CA ALA A 23 -2.22 -0.03 0.72
C ALA A 23 -3.31 -0.03 1.78
N GLN A 24 -3.89 -1.18 2.04
CA GLN A 24 -4.97 -1.29 3.07
C GLN A 24 -4.39 -0.90 4.45
N ALA A 25 -3.16 -1.28 4.71
CA ALA A 25 -2.52 -0.94 6.03
C ALA A 25 -2.21 0.56 6.09
N ARG A 26 -1.83 1.15 4.99
CA ARG A 26 -1.52 2.61 4.99
C ARG A 26 -2.82 3.40 4.98
N ALA A 27 -3.84 2.86 4.34
CA ALA A 27 -5.16 3.53 4.29
C ALA A 27 -5.86 3.39 5.64
N ARG A 28 -5.67 2.28 6.32
CA ARG A 28 -6.30 2.09 7.66
C ARG A 28 -5.59 2.99 8.67
N GLU A 29 -4.31 3.21 8.48
CA GLU A 29 -3.55 4.10 9.41
C GLU A 29 -3.85 5.56 9.08
N ARG A 30 -3.94 5.89 7.82
CA ARG A 30 -4.25 7.30 7.40
C ARG A 30 -5.71 7.63 7.74
N GLU A 31 -6.56 6.62 7.83
CA GLU A 31 -8.00 6.88 8.16
C GLU A 31 -8.11 7.27 9.63
N ARG A 32 -7.34 6.64 10.49
CA ARG A 32 -7.38 6.97 11.95
C ARG A 32 -6.89 8.41 12.16
N LEU A 33 -6.06 8.91 11.27
CA LEU A 33 -5.55 10.31 11.39
C LEU A 33 -6.47 11.27 10.62
N ALA A 34 -7.07 10.80 9.56
CA ALA A 34 -7.98 11.65 8.74
C ALA A 34 -9.34 11.83 9.43
N HIS A 35 -9.66 10.96 10.35
CA HIS A 35 -10.97 11.04 11.10
C HIS A 35 -11.28 12.47 11.55
N SER A 36 -12.54 12.80 11.70
CA SER A 36 -12.92 14.19 12.15
C SER A 36 -12.67 14.34 13.65
N MET A 1 12.58 9.62 -18.67
CA MET A 1 12.99 9.87 -17.25
C MET A 1 11.79 9.62 -16.32
N GLU A 2 11.94 8.73 -15.37
CA GLU A 2 10.82 8.41 -14.43
C GLU A 2 11.39 7.83 -13.13
N VAL A 3 10.82 8.21 -12.00
CA VAL A 3 11.31 7.68 -10.69
C VAL A 3 10.12 7.26 -9.82
N ALA A 4 10.25 6.17 -9.09
CA ALA A 4 9.13 5.70 -8.23
C ALA A 4 9.21 6.40 -6.85
N MET A 5 8.16 7.09 -6.47
CA MET A 5 8.16 7.80 -5.15
C MET A 5 7.71 6.83 -4.07
N VAL A 6 8.63 6.02 -3.57
CA VAL A 6 8.28 5.03 -2.50
C VAL A 6 9.25 5.16 -1.33
N SER A 7 8.77 5.04 -0.12
CA SER A 7 9.65 5.15 1.08
C SER A 7 9.78 3.78 1.75
N ALA A 8 10.99 3.33 1.96
CA ALA A 8 11.22 2.00 2.61
C ALA A 8 10.40 0.92 1.88
N GLU A 9 10.33 1.01 0.57
CA GLU A 9 9.56 0.01 -0.25
C GLU A 9 8.22 -0.32 0.43
N SER A 10 7.49 0.70 0.83
CA SER A 10 6.17 0.47 1.51
C SER A 10 5.14 1.48 0.96
N SER A 11 5.12 1.68 -0.33
CA SER A 11 4.15 2.63 -0.94
C SER A 11 3.75 2.12 -2.33
N GLY A 12 4.72 1.85 -3.17
CA GLY A 12 4.44 1.34 -4.54
C GLY A 12 5.64 0.52 -5.04
N CYS A 13 6.33 -0.15 -4.15
CA CYS A 13 7.52 -0.97 -4.55
C CYS A 13 7.77 -2.08 -3.51
N ASN A 14 6.71 -2.57 -2.91
CA ASN A 14 6.85 -3.65 -1.88
C ASN A 14 7.39 -4.93 -2.54
N SER A 15 6.84 -5.31 -3.67
CA SER A 15 7.28 -6.55 -4.40
C SER A 15 7.48 -7.72 -3.42
N HIS A 16 6.75 -7.74 -2.34
CA HIS A 16 6.87 -8.84 -1.34
C HIS A 16 5.50 -9.15 -0.74
N MET A 17 4.83 -8.15 -0.23
CA MET A 17 3.47 -8.35 0.36
C MET A 17 2.45 -8.62 -0.74
N PRO A 18 1.37 -9.27 -0.36
CA PRO A 18 0.30 -9.59 -1.34
C PRO A 18 -0.23 -8.33 -2.01
N TYR A 19 -0.56 -8.45 -3.27
CA TYR A 19 -1.07 -7.28 -4.05
C TYR A 19 -2.35 -6.73 -3.41
N GLY A 20 -2.43 -5.42 -3.28
CA GLY A 20 -3.64 -4.79 -2.67
C GLY A 20 -3.71 -5.15 -1.18
N TYR A 21 -2.59 -5.11 -0.50
CA TYR A 21 -2.57 -5.43 0.95
C TYR A 21 -1.84 -4.34 1.71
N ALA A 22 -0.61 -4.12 1.35
CA ALA A 22 0.18 -3.06 2.01
C ALA A 22 -0.51 -1.71 1.83
N ALA A 23 -1.40 -1.61 0.86
CA ALA A 23 -2.14 -0.33 0.64
C ALA A 23 -3.19 -0.18 1.74
N GLN A 24 -3.73 -1.30 2.20
CA GLN A 24 -4.75 -1.28 3.29
C GLN A 24 -4.11 -0.68 4.56
N ALA A 25 -2.85 -0.93 4.78
CA ALA A 25 -2.15 -0.39 5.98
C ALA A 25 -2.03 1.14 5.87
N ARG A 26 -1.84 1.65 4.68
CA ARG A 26 -1.73 3.13 4.49
C ARG A 26 -3.14 3.74 4.54
N ALA A 27 -4.12 3.01 4.06
CA ALA A 27 -5.52 3.53 4.07
C ALA A 27 -6.09 3.45 5.48
N ARG A 28 -5.74 2.43 6.23
CA ARG A 28 -6.25 2.29 7.63
C ARG A 28 -5.55 3.33 8.51
N GLU A 29 -4.32 3.66 8.19
CA GLU A 29 -3.58 4.68 8.99
C GLU A 29 -4.04 6.07 8.57
N ARG A 30 -4.25 6.28 7.30
CA ARG A 30 -4.72 7.61 6.81
C ARG A 30 -6.17 7.85 7.26
N GLU A 31 -6.92 6.79 7.47
CA GLU A 31 -8.34 6.94 7.93
C GLU A 31 -8.38 7.13 9.45
N ARG A 32 -7.63 6.35 10.19
CA ARG A 32 -7.63 6.49 11.67
C ARG A 32 -6.93 7.80 12.07
N LEU A 33 -5.81 8.09 11.44
CA LEU A 33 -5.08 9.36 11.78
C LEU A 33 -5.97 10.57 11.47
N ALA A 34 -6.55 10.61 10.30
CA ALA A 34 -7.44 11.76 9.92
C ALA A 34 -8.66 11.79 10.84
N HIS A 35 -9.15 10.64 11.20
CA HIS A 35 -10.35 10.56 12.10
C HIS A 35 -9.94 9.94 13.44
N SER A 36 -9.31 10.70 14.29
CA SER A 36 -8.87 10.17 15.62
C SER A 36 -9.82 10.67 16.71
N MET A 1 -4.68 9.11 -18.01
CA MET A 1 -4.57 8.14 -19.14
C MET A 1 -4.45 6.72 -18.58
N GLU A 2 -5.43 5.88 -18.87
CA GLU A 2 -5.40 4.48 -18.36
C GLU A 2 -5.14 3.51 -19.52
N VAL A 3 -4.13 2.68 -19.39
CA VAL A 3 -3.81 1.69 -20.48
C VAL A 3 -3.58 0.30 -19.86
N ALA A 4 -4.24 -0.70 -20.40
CA ALA A 4 -4.10 -2.10 -19.87
C ALA A 4 -4.30 -2.11 -18.35
N MET A 5 -5.51 -1.84 -17.91
CA MET A 5 -5.81 -1.82 -16.45
C MET A 5 -6.16 -3.24 -15.99
N VAL A 6 -5.19 -4.12 -15.94
CA VAL A 6 -5.44 -5.53 -15.51
C VAL A 6 -4.32 -5.99 -14.57
N SER A 7 -4.66 -6.73 -13.54
CA SER A 7 -3.62 -7.22 -12.58
C SER A 7 -3.24 -8.65 -12.93
N ALA A 8 -1.96 -8.95 -12.89
CA ALA A 8 -1.48 -10.33 -13.21
C ALA A 8 -0.27 -10.65 -12.33
N GLU A 9 -0.49 -10.76 -11.05
CA GLU A 9 0.62 -11.07 -10.10
C GLU A 9 0.58 -12.55 -9.73
N SER A 10 1.69 -13.24 -9.90
CA SER A 10 1.75 -14.70 -9.56
C SER A 10 2.61 -14.90 -8.30
N SER A 11 2.63 -13.92 -7.42
CA SER A 11 3.43 -14.02 -6.16
C SER A 11 3.30 -12.71 -5.39
N GLY A 12 2.66 -12.76 -4.24
CA GLY A 12 2.47 -11.52 -3.43
C GLY A 12 3.44 -11.54 -2.25
N CYS A 13 3.07 -12.18 -1.17
CA CYS A 13 3.97 -12.24 0.02
C CYS A 13 5.21 -13.09 -0.29
N ASN A 14 5.15 -13.90 -1.32
CA ASN A 14 6.31 -14.75 -1.70
C ASN A 14 7.45 -13.86 -2.21
N SER A 15 7.13 -12.87 -3.01
CA SER A 15 8.18 -11.95 -3.55
C SER A 15 8.54 -10.91 -2.48
N HIS A 16 7.56 -10.30 -1.87
CA HIS A 16 7.82 -9.28 -0.81
C HIS A 16 6.57 -9.09 0.05
N MET A 17 5.47 -8.73 -0.56
CA MET A 17 4.20 -8.52 0.21
C MET A 17 3.00 -8.81 -0.70
N PRO A 18 1.96 -9.36 -0.11
CA PRO A 18 0.74 -9.69 -0.87
C PRO A 18 0.25 -8.47 -1.68
N TYR A 19 -0.17 -8.71 -2.89
CA TYR A 19 -0.66 -7.63 -3.78
C TYR A 19 -1.87 -6.93 -3.13
N GLY A 20 -1.89 -5.62 -3.15
CA GLY A 20 -3.02 -4.87 -2.53
C GLY A 20 -3.01 -5.08 -1.02
N TYR A 21 -1.87 -4.89 -0.41
CA TYR A 21 -1.74 -5.09 1.06
C TYR A 21 -1.24 -3.82 1.72
N ALA A 22 -0.08 -3.38 1.31
CA ALA A 22 0.51 -2.14 1.88
C ALA A 22 -0.45 -0.96 1.65
N ALA A 23 -1.38 -1.09 0.73
CA ALA A 23 -2.37 -0.01 0.47
C ALA A 23 -3.49 -0.11 1.51
N GLN A 24 -3.79 -1.32 1.93
CA GLN A 24 -4.85 -1.54 2.95
C GLN A 24 -4.37 -0.99 4.30
N ALA A 25 -3.20 -1.38 4.73
CA ALA A 25 -2.63 -0.91 6.03
C ALA A 25 -2.52 0.62 6.03
N ARG A 26 -2.24 1.22 4.89
CA ARG A 26 -2.13 2.71 4.82
C ARG A 26 -3.53 3.31 4.76
N ALA A 27 -4.43 2.65 4.07
CA ALA A 27 -5.83 3.17 3.96
C ALA A 27 -6.53 3.07 5.33
N ARG A 28 -6.13 2.14 6.15
CA ARG A 28 -6.74 2.01 7.51
C ARG A 28 -6.03 2.97 8.47
N GLU A 29 -4.75 3.13 8.32
CA GLU A 29 -3.98 4.07 9.19
C GLU A 29 -4.32 5.51 8.81
N ARG A 30 -4.49 5.77 7.53
CA ARG A 30 -4.84 7.15 7.07
C ARG A 30 -6.20 7.56 7.66
N GLU A 31 -7.07 6.61 7.91
CA GLU A 31 -8.41 6.93 8.50
C GLU A 31 -8.21 7.46 9.93
N ARG A 32 -7.51 6.74 10.75
CA ARG A 32 -7.27 7.19 12.16
C ARG A 32 -6.33 8.40 12.16
N LEU A 33 -5.48 8.54 11.16
CA LEU A 33 -4.54 9.69 11.09
C LEU A 33 -5.31 10.97 10.77
N ALA A 34 -6.02 10.99 9.66
CA ALA A 34 -6.82 12.20 9.28
C ALA A 34 -8.01 12.38 10.23
N HIS A 35 -8.57 11.30 10.67
CA HIS A 35 -9.75 11.37 11.60
C HIS A 35 -9.29 11.02 13.03
N SER A 36 -10.19 10.52 13.86
CA SER A 36 -9.82 10.16 15.26
C SER A 36 -10.42 8.79 15.60
#